data_8CIH
#
_entry.id   8CIH
#
_cell.length_a   91.722
_cell.length_b   91.722
_cell.length_c   134.368
_cell.angle_alpha   90.00
_cell.angle_beta   90.00
_cell.angle_gamma   120.00
#
_symmetry.space_group_name_H-M   'P 61'
#
loop_
_entity.id
_entity.type
_entity.pdbx_description
1 polymer 'Cyclin-dependent kinase 2-interacting protein'
2 non-polymer 'SODIUM ION'
3 water water
#
_entity_poly.entity_id   1
_entity_poly.type   'polypeptide(L)'
_entity_poly.pdbx_seq_one_letter_code
;GAMEAKTLGTVTPRKPVLSVSARKIKDNAADWHNLILKWETLNDAGFTTANNIANLKISLLNKDKIELDSSSPASKENEE
KVCLEYNEELEKLCEELQATLDGLTKIQVKMEKLSSTTKGICELENYHYGEESKRPPLFHTWPTTHFYEVSHKLLEMYRK
ELLLKRTVAKELAHTGDPDLTLSYLSMWLHQPYVESDSRLHLESMLLETGHRAL
;
_entity_poly.pdbx_strand_id   A,B
#
# COMPACT_ATOMS: atom_id res chain seq x y z
N SER A 19 -1.81 -26.76 -15.82
CA SER A 19 -1.23 -27.66 -14.83
C SER A 19 -1.99 -27.58 -13.52
N VAL A 20 -1.66 -28.48 -12.58
CA VAL A 20 -2.33 -28.48 -11.29
C VAL A 20 -1.94 -27.25 -10.48
N SER A 21 -0.65 -26.89 -10.50
CA SER A 21 -0.19 -25.72 -9.75
C SER A 21 -0.84 -24.45 -10.28
N ALA A 22 -1.03 -24.37 -11.60
CA ALA A 22 -1.69 -23.19 -12.17
C ALA A 22 -3.11 -23.06 -11.64
N ARG A 23 -3.85 -24.17 -11.60
CA ARG A 23 -5.20 -24.12 -11.05
C ARG A 23 -5.19 -23.73 -9.59
N LYS A 24 -4.22 -24.24 -8.82
CA LYS A 24 -4.13 -23.90 -7.41
C LYS A 24 -3.79 -22.43 -7.23
N ILE A 25 -2.89 -21.89 -8.05
CA ILE A 25 -2.54 -20.47 -7.93
C ILE A 25 -3.72 -19.59 -8.33
N LYS A 26 -4.42 -19.97 -9.39
CA LYS A 26 -5.60 -19.20 -9.81
C LYS A 26 -6.69 -19.25 -8.75
N ASP A 27 -6.88 -20.41 -8.11
CA ASP A 27 -7.83 -20.51 -7.01
C ASP A 27 -7.36 -19.68 -5.81
N ASN A 28 -6.05 -19.70 -5.54
CA ASN A 28 -5.52 -18.91 -4.43
C ASN A 28 -5.76 -17.42 -4.65
N ALA A 29 -5.58 -16.94 -5.87
CA ALA A 29 -5.86 -15.53 -6.16
C ALA A 29 -7.34 -15.23 -5.96
N ALA A 30 -8.21 -16.14 -6.39
CA ALA A 30 -9.64 -15.97 -6.14
C ALA A 30 -9.94 -15.95 -4.65
N ASP A 31 -9.27 -16.81 -3.87
CA ASP A 31 -9.48 -16.83 -2.43
C ASP A 31 -9.08 -15.49 -1.81
N TRP A 32 -7.96 -14.91 -2.25
CA TRP A 32 -7.57 -13.59 -1.77
C TRP A 32 -8.65 -12.55 -2.09
N HIS A 33 -9.21 -12.60 -3.29
CA HIS A 33 -10.29 -11.68 -3.64
C HIS A 33 -11.47 -11.84 -2.69
N ASN A 34 -11.85 -13.08 -2.37
N ASN A 34 -11.86 -13.09 -2.40
CA ASN A 34 -13.02 -13.30 -1.53
CA ASN A 34 -13.00 -13.32 -1.52
C ASN A 34 -12.77 -12.87 -0.09
C ASN A 34 -12.73 -12.79 -0.12
N LEU A 35 -11.57 -13.13 0.44
CA LEU A 35 -11.25 -12.70 1.80
C LEU A 35 -11.19 -11.18 1.89
N ILE A 36 -10.66 -10.52 0.86
CA ILE A 36 -10.58 -9.06 0.88
C ILE A 36 -11.98 -8.46 0.76
N LEU A 37 -12.90 -9.13 0.06
CA LEU A 37 -14.28 -8.66 0.02
C LEU A 37 -14.95 -8.81 1.37
N LYS A 38 -14.76 -9.95 2.04
CA LYS A 38 -15.31 -10.13 3.38
C LYS A 38 -14.75 -9.11 4.35
N TRP A 39 -13.45 -8.79 4.22
CA TRP A 39 -12.85 -7.77 5.06
C TRP A 39 -13.55 -6.43 4.87
N GLU A 40 -13.73 -6.01 3.61
CA GLU A 40 -14.38 -4.72 3.35
C GLU A 40 -15.82 -4.73 3.85
N THR A 41 -16.52 -5.86 3.70
CA THR A 41 -17.87 -5.95 4.23
C THR A 41 -17.89 -5.71 5.74
N LEU A 42 -16.97 -6.36 6.46
CA LEU A 42 -16.91 -6.18 7.90
C LEU A 42 -16.44 -4.77 8.26
N ASN A 43 -15.51 -4.22 7.49
CA ASN A 43 -15.02 -2.88 7.80
C ASN A 43 -16.13 -1.85 7.64
N ASP A 44 -16.92 -1.96 6.57
CA ASP A 44 -18.06 -1.06 6.38
C ASP A 44 -19.04 -1.17 7.54
N ALA A 45 -19.36 -2.40 7.95
CA ALA A 45 -20.26 -2.59 9.08
C ALA A 45 -19.65 -2.01 10.36
N GLY A 46 -18.35 -2.22 10.56
CA GLY A 46 -17.69 -1.64 11.71
C GLY A 46 -17.72 -0.12 11.70
N PHE A 47 -17.58 0.48 10.51
CA PHE A 47 -17.65 1.92 10.40
C PHE A 47 -19.02 2.44 10.84
N THR A 48 -20.09 1.78 10.41
CA THR A 48 -21.43 2.17 10.83
C THR A 48 -21.53 2.17 12.35
N THR A 49 -21.07 1.09 12.98
CA THR A 49 -21.05 1.03 14.44
C THR A 49 -20.18 2.14 15.01
N ALA A 50 -18.93 2.24 14.54
CA ALA A 50 -18.04 3.28 15.04
C ALA A 50 -18.63 4.66 14.84
N ASN A 51 -19.31 4.89 13.71
CA ASN A 51 -19.91 6.18 13.46
C ASN A 51 -21.08 6.45 14.42
N ASN A 52 -21.80 5.40 14.82
CA ASN A 52 -22.86 5.58 15.80
C ASN A 52 -22.29 5.90 17.18
N ILE A 53 -21.18 5.25 17.54
CA ILE A 53 -20.54 5.57 18.82
C ILE A 53 -20.12 7.03 18.85
N ALA A 54 -19.47 7.49 17.77
CA ALA A 54 -18.97 8.86 17.71
C ALA A 54 -20.12 9.87 17.86
N ASN A 55 -21.20 9.67 17.11
CA ASN A 55 -22.28 10.64 17.13
C ASN A 55 -23.01 10.64 18.46
N LEU A 56 -23.24 9.48 19.06
CA LEU A 56 -23.83 9.44 20.39
C LEU A 56 -22.89 10.02 21.43
N LYS A 57 -21.58 9.77 21.29
CA LYS A 57 -20.61 10.38 22.19
C LYS A 57 -20.68 11.90 22.11
N ILE A 58 -20.72 12.44 20.89
CA ILE A 58 -20.76 13.88 20.71
C ILE A 58 -22.05 14.45 21.28
N SER A 59 -23.17 13.76 21.08
CA SER A 59 -24.42 14.19 21.70
C SER A 59 -24.33 14.10 23.22
N LEU A 60 -23.74 13.02 23.73
CA LEU A 60 -23.55 12.89 25.18
C LEU A 60 -22.58 13.93 25.71
N LEU A 61 -21.59 14.34 24.90
CA LEU A 61 -20.63 15.34 25.33
C LEU A 61 -21.18 16.76 25.25
N ASN A 62 -22.22 16.98 24.46
CA ASN A 62 -22.84 18.29 24.37
C ASN A 62 -23.72 18.62 25.58
N LYS A 63 -23.87 17.68 26.52
CA LYS A 63 -24.73 17.89 27.68
C LYS A 63 -24.00 18.72 28.74
N SER A 70 -28.29 26.57 32.64
CA SER A 70 -29.27 27.59 32.94
C SER A 70 -30.49 27.48 32.03
N SER A 71 -30.72 26.29 31.51
CA SER A 71 -31.87 26.04 30.65
C SER A 71 -33.13 25.87 31.52
N SER A 72 -34.24 25.47 30.90
CA SER A 72 -35.47 25.31 31.63
C SER A 72 -35.42 24.03 32.48
N PRO A 73 -36.17 23.99 33.59
CA PRO A 73 -36.22 22.74 34.37
C PRO A 73 -36.65 21.54 33.53
N ALA A 74 -37.61 21.73 32.63
CA ALA A 74 -38.03 20.62 31.77
C ALA A 74 -36.87 20.12 30.92
N SER A 75 -36.05 21.04 30.40
CA SER A 75 -34.93 20.65 29.56
C SER A 75 -33.87 19.89 30.36
N LYS A 76 -33.55 20.37 31.56
CA LYS A 76 -32.57 19.67 32.40
C LYS A 76 -33.02 18.25 32.70
N GLU A 77 -34.28 18.09 33.12
CA GLU A 77 -34.79 16.76 33.41
C GLU A 77 -34.74 15.86 32.17
N ASN A 78 -35.20 16.39 31.03
CA ASN A 78 -35.18 15.61 29.80
C ASN A 78 -33.75 15.22 29.43
N GLU A 79 -32.81 16.17 29.50
CA GLU A 79 -31.43 15.88 29.15
C GLU A 79 -30.86 14.81 30.08
N GLU A 80 -31.16 14.89 31.37
CA GLU A 80 -30.70 13.88 32.32
C GLU A 80 -31.15 12.49 31.93
N LYS A 81 -32.45 12.32 31.65
CA LYS A 81 -32.98 11.01 31.32
C LYS A 81 -32.42 10.49 30.00
N VAL A 82 -32.32 11.37 29.00
CA VAL A 82 -31.80 10.94 27.70
C VAL A 82 -30.35 10.50 27.82
N CYS A 83 -29.55 11.23 28.59
CA CYS A 83 -28.13 10.91 28.69
C CYS A 83 -27.89 9.57 29.39
N LEU A 84 -28.78 9.18 30.31
CA LEU A 84 -28.67 7.86 30.93
C LEU A 84 -28.81 6.76 29.88
N GLU A 85 -29.74 6.92 28.94
CA GLU A 85 -29.92 5.92 27.89
C GLU A 85 -28.83 5.98 26.83
N TYR A 86 -28.17 7.13 26.65
CA TYR A 86 -27.00 7.17 25.80
C TYR A 86 -25.92 6.22 26.31
N ASN A 87 -25.67 6.23 27.62
CA ASN A 87 -24.65 5.37 28.19
C ASN A 87 -24.94 3.89 27.92
N GLU A 88 -26.20 3.48 28.09
CA GLU A 88 -26.56 2.10 27.83
C GLU A 88 -26.33 1.72 26.38
N GLU A 89 -26.76 2.59 25.44
CA GLU A 89 -26.60 2.27 24.03
C GLU A 89 -25.12 2.26 23.64
N LEU A 90 -24.31 3.14 24.23
CA LEU A 90 -22.89 3.17 23.90
C LEU A 90 -22.20 1.87 24.31
N GLU A 91 -22.58 1.31 25.46
CA GLU A 91 -21.99 0.04 25.89
C GLU A 91 -22.32 -1.07 24.90
N LYS A 92 -23.56 -1.09 24.40
CA LYS A 92 -23.94 -2.11 23.43
C LYS A 92 -23.19 -1.92 22.11
N LEU A 93 -22.99 -0.66 21.69
CA LEU A 93 -22.28 -0.40 20.45
C LEU A 93 -20.81 -0.80 20.54
N CYS A 94 -20.18 -0.56 21.69
CA CYS A 94 -18.78 -0.96 21.85
C CYS A 94 -18.62 -2.47 21.77
N GLU A 95 -19.56 -3.22 22.37
CA GLU A 95 -19.53 -4.67 22.23
C GLU A 95 -19.78 -5.08 20.78
N GLU A 96 -20.64 -4.34 20.07
CA GLU A 96 -20.87 -4.61 18.66
C GLU A 96 -19.60 -4.39 17.85
N LEU A 97 -18.84 -3.36 18.19
CA LEU A 97 -17.60 -3.10 17.45
C LEU A 97 -16.57 -4.19 17.73
N GLN A 98 -16.52 -4.69 18.96
CA GLN A 98 -15.60 -5.78 19.29
C GLN A 98 -15.95 -7.03 18.51
N ALA A 99 -17.25 -7.29 18.31
CA ALA A 99 -17.65 -8.44 17.50
C ALA A 99 -17.13 -8.31 16.07
N THR A 100 -17.12 -7.09 15.53
CA THR A 100 -16.57 -6.88 14.19
C THR A 100 -15.07 -7.13 14.18
N LEU A 101 -14.36 -6.69 15.21
CA LEU A 101 -12.92 -6.97 15.30
C LEU A 101 -12.67 -8.46 15.35
N ASP A 102 -13.52 -9.20 16.06
CA ASP A 102 -13.38 -10.66 16.08
C ASP A 102 -13.54 -11.24 14.69
N GLY A 103 -14.49 -10.73 13.90
CA GLY A 103 -14.63 -11.20 12.54
C GLY A 103 -13.44 -10.88 11.67
N LEU A 104 -12.88 -9.68 11.84
CA LEU A 104 -11.69 -9.29 11.07
C LEU A 104 -10.48 -10.13 11.48
N THR A 105 -10.36 -10.48 12.76
CA THR A 105 -9.27 -11.34 13.20
C THR A 105 -9.35 -12.71 12.54
N LYS A 106 -10.56 -13.26 12.43
CA LYS A 106 -10.74 -14.54 11.74
C LYS A 106 -10.30 -14.44 10.29
N ILE A 107 -10.62 -13.32 9.63
N ILE A 107 -10.62 -13.32 9.63
CA ILE A 107 -10.21 -13.15 8.24
CA ILE A 107 -10.21 -13.13 8.25
C ILE A 107 -8.69 -13.06 8.14
C ILE A 107 -8.70 -13.07 8.14
N GLN A 108 -8.05 -12.35 9.06
CA GLN A 108 -6.61 -12.19 9.00
C GLN A 108 -5.90 -13.53 9.15
N VAL A 109 -6.45 -14.43 9.97
CA VAL A 109 -5.86 -15.76 10.13
C VAL A 109 -6.06 -16.58 8.85
N LYS A 110 -7.23 -16.45 8.21
CA LYS A 110 -7.44 -17.09 6.93
C LYS A 110 -6.48 -16.56 5.88
N MET A 111 -6.14 -15.28 5.95
CA MET A 111 -5.18 -14.72 5.01
C MET A 111 -3.79 -15.32 5.22
N GLU A 112 -3.39 -15.52 6.48
CA GLU A 112 -2.11 -16.17 6.72
C GLU A 112 -2.11 -17.58 6.14
N LYS A 113 -3.24 -18.27 6.22
CA LYS A 113 -3.35 -19.58 5.57
C LYS A 113 -3.14 -19.45 4.06
N LEU A 114 -3.74 -18.43 3.44
CA LEU A 114 -3.59 -18.28 2.00
C LEU A 114 -2.15 -17.99 1.61
N SER A 115 -1.47 -17.13 2.37
CA SER A 115 -0.06 -16.87 2.09
C SER A 115 0.78 -18.13 2.27
N SER A 116 0.49 -18.90 3.33
CA SER A 116 1.20 -20.16 3.55
C SER A 116 0.93 -21.15 2.41
N THR A 117 -0.29 -21.15 1.88
CA THR A 117 -0.62 -22.02 0.76
C THR A 117 0.20 -21.66 -0.47
N THR A 118 0.28 -20.37 -0.79
CA THR A 118 1.12 -19.95 -1.90
C THR A 118 2.55 -20.43 -1.72
N LYS A 119 3.08 -20.28 -0.50
CA LYS A 119 4.45 -20.72 -0.22
C LYS A 119 4.59 -22.22 -0.45
N GLY A 120 3.62 -23.01 0.01
CA GLY A 120 3.70 -24.44 -0.20
C GLY A 120 3.67 -24.83 -1.67
N ILE A 121 2.88 -24.11 -2.47
CA ILE A 121 2.84 -24.40 -3.91
C ILE A 121 4.21 -24.15 -4.53
N CYS A 122 4.89 -23.09 -4.12
CA CYS A 122 6.24 -22.84 -4.62
C CYS A 122 7.17 -23.98 -4.25
N GLU A 123 7.07 -24.50 -3.02
CA GLU A 123 7.91 -25.60 -2.60
C GLU A 123 7.61 -26.86 -3.41
N LEU A 124 6.33 -27.12 -3.70
CA LEU A 124 5.97 -28.27 -4.52
C LEU A 124 6.56 -28.15 -5.91
N GLU A 125 6.52 -26.95 -6.50
CA GLU A 125 7.08 -26.76 -7.83
C GLU A 125 8.58 -27.01 -7.83
N ASN A 126 9.29 -26.47 -6.85
CA ASN A 126 10.74 -26.67 -6.78
C ASN A 126 11.09 -28.15 -6.70
N TYR A 127 10.45 -28.87 -5.78
CA TYR A 127 10.79 -30.28 -5.58
C TYR A 127 10.47 -31.11 -6.81
N HIS A 128 9.31 -30.89 -7.43
CA HIS A 128 8.89 -31.72 -8.55
C HIS A 128 9.50 -31.28 -9.88
N TYR A 129 9.87 -30.00 -10.01
CA TYR A 129 10.32 -29.48 -11.30
C TYR A 129 11.64 -28.72 -11.20
N GLY A 130 12.30 -28.72 -10.06
CA GLY A 130 13.63 -28.17 -9.97
C GLY A 130 13.66 -26.65 -9.91
N GLU A 131 14.80 -26.10 -10.34
CA GLU A 131 15.04 -24.66 -10.23
C GLU A 131 13.97 -23.88 -10.97
N GLU A 132 13.47 -22.82 -10.34
CA GLU A 132 12.43 -22.00 -10.93
C GLU A 132 12.93 -21.23 -12.15
N SER A 133 14.21 -20.83 -12.14
CA SER A 133 14.74 -20.05 -13.25
C SER A 133 14.69 -20.81 -14.57
N LYS A 134 14.53 -22.12 -14.53
CA LYS A 134 14.50 -22.95 -15.72
C LYS A 134 13.11 -23.48 -16.05
N ARG A 135 12.06 -23.07 -15.28
CA ARG A 135 10.70 -23.47 -15.58
C ARG A 135 9.97 -22.35 -16.29
N PRO A 136 9.01 -22.65 -17.16
CA PRO A 136 8.20 -21.60 -17.76
C PRO A 136 7.20 -21.05 -16.77
N PRO A 137 6.72 -19.82 -16.97
CA PRO A 137 5.69 -19.28 -16.07
C PRO A 137 4.42 -20.14 -16.11
N LEU A 138 3.69 -20.14 -15.00
CA LEU A 138 2.42 -20.84 -14.97
C LEU A 138 1.39 -20.18 -15.88
N PHE A 139 1.48 -18.86 -16.07
CA PHE A 139 0.52 -18.14 -16.90
C PHE A 139 1.26 -17.37 -17.96
N HIS A 140 1.43 -16.05 -17.79
CA HIS A 140 2.06 -15.21 -18.81
C HIS A 140 3.55 -15.02 -18.56
N THR A 141 3.91 -14.44 -17.41
CA THR A 141 5.30 -14.09 -17.15
C THR A 141 5.75 -14.32 -15.70
N TRP A 142 4.84 -14.37 -14.74
CA TRP A 142 5.26 -14.40 -13.33
C TRP A 142 5.92 -15.73 -13.00
N PRO A 143 7.13 -15.71 -12.41
CA PRO A 143 7.59 -16.92 -11.72
C PRO A 143 6.72 -17.19 -10.50
N THR A 144 6.57 -18.46 -10.17
CA THR A 144 5.63 -18.84 -9.11
C THR A 144 5.99 -18.16 -7.79
N THR A 145 7.28 -17.90 -7.55
CA THR A 145 7.66 -17.25 -6.30
C THR A 145 7.09 -15.84 -6.20
N HIS A 146 6.86 -15.17 -7.34
CA HIS A 146 6.33 -13.82 -7.26
C HIS A 146 4.91 -13.81 -6.70
N PHE A 147 4.14 -14.87 -6.95
CA PHE A 147 2.83 -15.00 -6.33
C PHE A 147 2.94 -15.01 -4.81
N TYR A 148 3.97 -15.67 -4.28
CA TYR A 148 4.15 -15.70 -2.84
C TYR A 148 4.58 -14.35 -2.29
N GLU A 149 5.52 -13.69 -2.97
CA GLU A 149 5.97 -12.38 -2.51
CA GLU A 149 5.97 -12.38 -2.51
C GLU A 149 4.82 -11.40 -2.44
N VAL A 150 3.95 -11.40 -3.45
CA VAL A 150 2.78 -10.53 -3.42
C VAL A 150 1.81 -10.97 -2.33
N SER A 151 1.56 -12.27 -2.23
CA SER A 151 0.65 -12.78 -1.20
CA SER A 151 0.65 -12.78 -1.20
C SER A 151 1.15 -12.42 0.19
N HIS A 152 2.45 -12.54 0.43
CA HIS A 152 2.99 -12.20 1.74
C HIS A 152 2.91 -10.70 2.02
N LYS A 153 3.05 -9.88 0.97
CA LYS A 153 2.91 -8.43 1.15
C LYS A 153 1.49 -8.06 1.56
N LEU A 154 0.49 -8.70 0.96
CA LEU A 154 -0.90 -8.48 1.37
C LEU A 154 -1.11 -8.86 2.82
N LEU A 155 -0.61 -10.03 3.23
CA LEU A 155 -0.73 -10.45 4.61
C LEU A 155 -0.12 -9.41 5.55
N GLU A 156 1.08 -8.93 5.22
CA GLU A 156 1.75 -7.95 6.07
C GLU A 156 0.90 -6.70 6.27
N MET A 157 0.24 -6.24 5.20
CA MET A 157 -0.57 -5.03 5.29
C MET A 157 -1.78 -5.23 6.20
N TYR A 158 -2.49 -6.35 6.02
CA TYR A 158 -3.68 -6.59 6.84
C TYR A 158 -3.32 -6.89 8.28
N ARG A 159 -2.14 -7.47 8.53
CA ARG A 159 -1.67 -7.61 9.91
C ARG A 159 -1.55 -6.24 10.57
N LYS A 160 -0.92 -5.29 9.87
CA LYS A 160 -0.73 -3.96 10.43
C LYS A 160 -2.05 -3.22 10.57
N GLU A 161 -2.95 -3.42 9.61
CA GLU A 161 -4.25 -2.74 9.67
C GLU A 161 -5.09 -3.26 10.84
N LEU A 162 -5.03 -4.56 11.11
CA LEU A 162 -5.79 -5.10 12.24
C LEU A 162 -5.29 -4.53 13.56
N LEU A 163 -3.96 -4.47 13.72
CA LEU A 163 -3.40 -3.89 14.94
C LEU A 163 -3.85 -2.45 15.11
N LEU A 164 -3.89 -1.68 14.02
CA LEU A 164 -4.30 -0.28 14.11
C LEU A 164 -5.78 -0.17 14.50
N LYS A 165 -6.61 -1.09 14.02
CA LYS A 165 -8.04 -0.99 14.29
C LYS A 165 -8.37 -1.20 15.76
N ARG A 166 -7.58 -2.02 16.46
CA ARG A 166 -7.83 -2.21 17.89
C ARG A 166 -7.53 -0.95 18.67
N THR A 167 -6.50 -0.20 18.26
CA THR A 167 -6.24 1.09 18.88
C THR A 167 -7.35 2.08 18.55
N VAL A 168 -7.79 2.10 17.29
CA VAL A 168 -8.89 2.99 16.89
C VAL A 168 -10.14 2.68 17.70
N ALA A 169 -10.50 1.39 17.78
CA ALA A 169 -11.68 1.00 18.54
C ALA A 169 -11.54 1.40 20.00
N LYS A 170 -10.35 1.21 20.58
CA LYS A 170 -10.15 1.60 21.98
C LYS A 170 -10.32 3.11 22.16
N GLU A 171 -9.78 3.90 21.23
CA GLU A 171 -9.85 5.35 21.36
C GLU A 171 -11.29 5.85 21.21
N LEU A 172 -12.04 5.28 20.27
CA LEU A 172 -13.41 5.71 20.06
C LEU A 172 -14.25 5.55 21.32
N ALA A 173 -14.08 4.42 22.02
CA ALA A 173 -14.91 4.15 23.19
C ALA A 173 -14.53 4.96 24.41
N HIS A 174 -13.34 5.57 24.43
CA HIS A 174 -12.85 6.30 25.59
C HIS A 174 -12.57 7.77 25.34
N THR A 175 -12.28 8.17 24.09
CA THR A 175 -11.94 9.56 23.83
C THR A 175 -13.10 10.47 24.18
N GLY A 176 -12.77 11.69 24.62
CA GLY A 176 -13.75 12.69 24.96
C GLY A 176 -13.77 13.90 24.06
N ASP A 177 -12.99 13.91 22.97
CA ASP A 177 -12.92 15.04 22.07
C ASP A 177 -13.62 14.73 20.76
N PRO A 178 -14.57 15.56 20.31
CA PRO A 178 -15.22 15.26 19.02
C PRO A 178 -14.26 15.20 17.85
N ASP A 179 -13.28 16.11 17.80
CA ASP A 179 -12.38 16.17 16.66
C ASP A 179 -11.50 14.91 16.57
N LEU A 180 -10.97 14.45 17.71
CA LEU A 180 -10.22 13.20 17.71
C LEU A 180 -11.09 12.04 17.27
N THR A 181 -12.33 11.99 17.75
CA THR A 181 -13.25 10.94 17.34
C THR A 181 -13.35 10.88 15.81
N LEU A 182 -13.48 12.04 15.16
CA LEU A 182 -13.57 12.05 13.71
C LEU A 182 -12.28 11.57 13.07
N SER A 183 -11.13 11.96 13.62
CA SER A 183 -9.85 11.51 13.07
C SER A 183 -9.72 9.99 13.17
N TYR A 184 -10.02 9.43 14.35
CA TYR A 184 -9.99 7.99 14.51
C TYR A 184 -11.04 7.32 13.62
N LEU A 185 -12.23 7.89 13.55
CA LEU A 185 -13.27 7.35 12.68
C LEU A 185 -12.81 7.33 11.23
N SER A 186 -12.12 8.39 10.80
CA SER A 186 -11.61 8.43 9.42
C SER A 186 -10.56 7.35 9.21
N MET A 187 -9.74 7.07 10.23
CA MET A 187 -8.73 6.03 10.09
C MET A 187 -9.36 4.65 9.88
N TRP A 188 -10.47 4.38 10.56
CA TRP A 188 -11.13 3.09 10.42
C TRP A 188 -11.57 2.86 8.97
N LEU A 189 -12.12 3.90 8.33
CA LEU A 189 -12.66 3.74 6.98
C LEU A 189 -11.57 3.80 5.93
N HIS A 190 -10.60 4.71 6.08
CA HIS A 190 -9.57 4.88 5.05
C HIS A 190 -8.56 3.75 5.07
N GLN A 191 -8.25 3.20 6.24
CA GLN A 191 -7.33 2.08 6.36
C GLN A 191 -5.96 2.43 5.77
N PRO A 192 -5.15 3.21 6.48
CA PRO A 192 -3.91 3.71 5.88
C PRO A 192 -2.98 2.63 5.36
N TYR A 193 -2.97 1.45 5.99
CA TYR A 193 -2.08 0.38 5.51
C TYR A 193 -2.67 -0.35 4.32
N VAL A 194 -3.96 -0.67 4.36
CA VAL A 194 -4.59 -1.40 3.27
C VAL A 194 -4.80 -0.51 2.06
N GLU A 195 -5.21 0.74 2.29
CA GLU A 195 -5.51 1.63 1.18
C GLU A 195 -4.27 1.97 0.36
N SER A 196 -3.08 1.76 0.90
CA SER A 196 -1.86 2.14 0.18
C SER A 196 -1.76 1.41 -1.16
N ASP A 197 -1.75 0.07 -1.13
CA ASP A 197 -1.58 -0.68 -2.37
C ASP A 197 -2.24 -2.06 -2.34
N SER A 198 -3.23 -2.28 -1.47
CA SER A 198 -3.91 -3.58 -1.47
C SER A 198 -4.54 -3.87 -2.82
N ARG A 199 -5.23 -2.87 -3.39
CA ARG A 199 -5.92 -3.07 -4.65
C ARG A 199 -4.95 -3.39 -5.78
N LEU A 200 -3.85 -2.64 -5.88
CA LEU A 200 -2.91 -2.86 -6.97
C LEU A 200 -2.30 -4.25 -6.89
N HIS A 201 -1.87 -4.67 -5.68
CA HIS A 201 -1.27 -5.99 -5.53
C HIS A 201 -2.26 -7.09 -5.87
N LEU A 202 -3.48 -6.97 -5.34
CA LEU A 202 -4.52 -7.95 -5.67
C LEU A 202 -4.80 -7.96 -7.17
N GLU A 203 -4.97 -6.78 -7.76
CA GLU A 203 -5.27 -6.70 -9.18
C GLU A 203 -4.19 -7.35 -10.03
N SER A 204 -2.92 -7.20 -9.64
CA SER A 204 -1.85 -7.79 -10.44
C SER A 204 -1.93 -9.31 -10.43
N MET A 205 -2.32 -9.89 -9.29
CA MET A 205 -2.50 -11.35 -9.22
C MET A 205 -3.69 -11.79 -10.06
N LEU A 206 -4.81 -11.11 -9.93
CA LEU A 206 -5.99 -11.47 -10.71
C LEU A 206 -5.74 -11.31 -12.21
N LEU A 207 -5.03 -10.25 -12.59
CA LEU A 207 -4.71 -10.06 -14.01
C LEU A 207 -3.84 -11.21 -14.52
N GLU A 208 -2.78 -11.55 -13.80
CA GLU A 208 -1.86 -12.57 -14.28
C GLU A 208 -2.56 -13.93 -14.38
N THR A 209 -3.45 -14.23 -13.44
CA THR A 209 -4.13 -15.52 -13.43
C THR A 209 -5.38 -15.56 -14.29
N GLY A 210 -5.78 -14.42 -14.86
CA GLY A 210 -6.87 -14.41 -15.81
C GLY A 210 -8.25 -14.27 -15.21
N HIS A 211 -8.37 -13.68 -14.03
CA HIS A 211 -9.67 -13.45 -13.41
C HIS A 211 -10.27 -12.14 -13.92
N ARG A 212 -11.57 -11.98 -13.67
CA ARG A 212 -12.29 -10.78 -14.09
C ARG A 212 -12.14 -9.67 -13.05
N VAL B 11 10.13 -7.68 -32.00
CA VAL B 11 9.03 -6.76 -31.74
C VAL B 11 7.74 -7.30 -32.34
N THR B 12 6.70 -7.38 -31.52
CA THR B 12 5.42 -7.90 -31.98
C THR B 12 4.74 -6.87 -32.89
N PRO B 13 4.30 -7.26 -34.09
CA PRO B 13 3.61 -6.29 -34.95
C PRO B 13 2.35 -5.74 -34.28
N ARG B 14 2.24 -4.42 -34.26
CA ARG B 14 1.08 -3.74 -33.71
C ARG B 14 0.66 -2.62 -34.66
N LYS B 15 -0.57 -2.14 -34.46
CA LYS B 15 -1.06 -1.00 -35.21
C LYS B 15 -0.30 0.27 -34.79
N PRO B 16 -0.28 1.29 -35.65
CA PRO B 16 0.62 2.43 -35.41
C PRO B 16 0.53 3.02 -34.00
N VAL B 17 -0.66 3.39 -33.55
CA VAL B 17 -0.77 4.05 -32.25
C VAL B 17 -0.35 3.10 -31.14
N LEU B 18 -0.75 1.82 -31.23
CA LEU B 18 -0.40 0.88 -30.18
C LEU B 18 1.08 0.53 -30.19
N SER B 19 1.73 0.59 -31.36
CA SER B 19 3.17 0.34 -31.42
C SER B 19 3.94 1.40 -30.64
N VAL B 20 3.56 2.67 -30.81
CA VAL B 20 4.22 3.74 -30.07
C VAL B 20 3.92 3.61 -28.58
N SER B 21 2.66 3.32 -28.23
CA SER B 21 2.31 3.16 -26.82
C SER B 21 3.13 2.05 -26.19
N ALA B 22 3.20 0.89 -26.83
CA ALA B 22 3.93 -0.24 -26.25
C ALA B 22 5.40 0.06 -26.12
N ARG B 23 6.00 0.70 -27.12
CA ARG B 23 7.43 1.00 -27.06
C ARG B 23 7.74 1.97 -25.93
N LYS B 24 6.90 2.99 -25.74
CA LYS B 24 7.16 3.97 -24.69
C LYS B 24 6.91 3.40 -23.31
N ILE B 25 5.88 2.56 -23.17
CA ILE B 25 5.61 1.93 -21.87
C ILE B 25 6.74 1.00 -21.50
N LYS B 26 7.29 0.27 -22.46
CA LYS B 26 8.41 -0.63 -22.18
C LYS B 26 9.67 0.17 -21.87
N ASP B 27 9.91 1.27 -22.61
CA ASP B 27 11.04 2.13 -22.29
C ASP B 27 10.88 2.76 -20.91
N ASN B 28 9.66 3.17 -20.56
CA ASN B 28 9.43 3.76 -19.25
C ASN B 28 9.75 2.77 -18.14
N ALA B 29 9.42 1.50 -18.35
CA ALA B 29 9.71 0.48 -17.34
C ALA B 29 11.20 0.34 -17.12
N ALA B 30 11.98 0.34 -18.21
CA ALA B 30 13.44 0.30 -18.06
C ALA B 30 13.94 1.56 -17.36
N ASP B 31 13.33 2.72 -17.63
CA ASP B 31 13.74 3.95 -16.98
C ASP B 31 13.43 3.91 -15.48
N TRP B 32 12.26 3.38 -15.11
CA TRP B 32 11.97 3.19 -13.70
C TRP B 32 13.04 2.34 -13.02
N HIS B 33 13.43 1.24 -13.67
CA HIS B 33 14.47 0.38 -13.11
C HIS B 33 15.76 1.14 -12.88
N ASN B 34 16.19 1.93 -13.88
CA ASN B 34 17.45 2.65 -13.77
C ASN B 34 17.38 3.77 -12.74
N LEU B 35 16.24 4.47 -12.66
CA LEU B 35 16.08 5.55 -11.69
C LEU B 35 16.02 5.00 -10.27
N ILE B 36 15.43 3.81 -10.09
CA ILE B 36 15.36 3.24 -8.76
C ILE B 36 16.74 2.73 -8.33
N LEU B 37 17.55 2.25 -9.27
CA LEU B 37 18.91 1.86 -8.95
C LEU B 37 19.76 3.08 -8.58
N LYS B 38 19.64 4.16 -9.36
CA LYS B 38 20.38 5.38 -9.02
C LYS B 38 19.95 5.92 -7.67
N TRP B 39 18.66 5.80 -7.34
CA TRP B 39 18.19 6.24 -6.03
C TRP B 39 18.90 5.49 -4.92
N GLU B 40 19.02 4.16 -5.05
CA GLU B 40 19.68 3.38 -4.01
C GLU B 40 21.16 3.73 -3.89
N THR B 41 21.81 4.03 -5.01
CA THR B 41 23.22 4.42 -4.96
C THR B 41 23.38 5.73 -4.18
N LEU B 42 22.53 6.71 -4.45
CA LEU B 42 22.60 7.97 -3.73
C LEU B 42 22.18 7.80 -2.27
N ASN B 43 21.21 6.92 -2.01
CA ASN B 43 20.79 6.69 -0.63
C ASN B 43 21.91 6.11 0.20
N ASP B 44 22.63 5.12 -0.35
CA ASP B 44 23.74 4.52 0.38
C ASP B 44 24.85 5.53 0.60
N ALA B 45 25.18 6.33 -0.42
CA ALA B 45 26.19 7.36 -0.26
C ALA B 45 25.74 8.40 0.77
N GLY B 46 24.47 8.81 0.71
CA GLY B 46 23.96 9.75 1.68
C GLY B 46 24.02 9.22 3.10
N PHE B 47 23.82 7.92 3.27
CA PHE B 47 23.91 7.33 4.60
C PHE B 47 25.34 7.40 5.13
N THR B 48 26.32 7.08 4.28
CA THR B 48 27.72 7.18 4.70
C THR B 48 28.04 8.59 5.16
N THR B 49 27.64 9.59 4.38
CA THR B 49 27.83 10.98 4.81
C THR B 49 27.11 11.25 6.12
N ALA B 50 25.86 10.80 6.23
CA ALA B 50 25.10 11.01 7.47
C ALA B 50 25.75 10.28 8.63
N ASN B 51 26.28 9.08 8.40
CA ASN B 51 26.93 8.34 9.47
C ASN B 51 28.19 9.06 9.95
N ASN B 52 28.94 9.66 9.03
CA ASN B 52 30.12 10.41 9.42
C ASN B 52 29.75 11.64 10.23
N ILE B 53 28.64 12.30 9.89
CA ILE B 53 28.19 13.45 10.66
C ILE B 53 27.81 13.01 12.07
N ALA B 54 27.10 11.89 12.19
CA ALA B 54 26.70 11.41 13.51
C ALA B 54 27.92 10.98 14.33
N ASN B 55 28.77 10.13 13.74
CA ASN B 55 29.99 9.72 14.45
C ASN B 55 30.79 10.93 14.90
N LEU B 56 30.80 12.00 14.10
CA LEU B 56 31.48 13.22 14.49
C LEU B 56 30.67 14.02 15.51
N LYS B 57 29.34 13.91 15.46
CA LYS B 57 28.51 14.55 16.48
C LYS B 57 28.81 13.98 17.86
N ILE B 58 29.17 12.71 17.94
CA ILE B 58 29.56 12.08 19.20
C ILE B 58 31.06 12.24 19.37
N SER B 59 31.53 13.49 19.39
CA SER B 59 32.95 13.78 19.52
C SER B 59 33.17 15.28 19.68
N LEU B 93 30.76 18.34 4.88
CA LEU B 93 30.05 17.08 5.03
C LEU B 93 28.56 17.34 5.07
N CYS B 94 28.14 18.31 5.89
CA CYS B 94 26.74 18.69 5.94
C CYS B 94 26.25 19.18 4.59
N GLU B 95 27.13 19.82 3.82
CA GLU B 95 26.75 20.27 2.48
C GLU B 95 26.78 19.12 1.47
N GLU B 96 27.69 18.16 1.65
CA GLU B 96 27.70 17.00 0.76
C GLU B 96 26.40 16.21 0.88
N LEU B 97 25.85 16.13 2.09
CA LEU B 97 24.55 15.48 2.27
C LEU B 97 23.46 16.23 1.53
N GLN B 98 23.57 17.57 1.48
CA GLN B 98 22.61 18.36 0.70
C GLN B 98 22.74 18.04 -0.78
N ALA B 99 23.97 17.86 -1.27
CA ALA B 99 24.16 17.48 -2.66
C ALA B 99 23.45 16.18 -2.99
N THR B 100 23.51 15.21 -2.07
CA THR B 100 22.78 13.96 -2.27
C THR B 100 21.27 14.23 -2.34
N LEU B 101 20.75 15.05 -1.44
CA LEU B 101 19.34 15.39 -1.48
C LEU B 101 18.97 16.05 -2.81
N ASP B 102 19.82 16.95 -3.30
CA ASP B 102 19.58 17.56 -4.61
C ASP B 102 19.53 16.49 -5.70
N GLY B 103 20.42 15.50 -5.65
CA GLY B 103 20.40 14.44 -6.64
C GLY B 103 19.14 13.58 -6.54
N LEU B 104 18.72 13.27 -5.32
CA LEU B 104 17.47 12.53 -5.13
C LEU B 104 16.29 13.32 -5.68
N THR B 105 16.32 14.65 -5.51
CA THR B 105 15.24 15.48 -6.05
C THR B 105 15.19 15.40 -7.58
N LYS B 106 16.35 15.38 -8.23
CA LYS B 106 16.38 15.27 -9.68
C LYS B 106 15.79 13.95 -10.15
N ILE B 107 16.10 12.85 -9.46
CA ILE B 107 15.49 11.57 -9.78
C ILE B 107 13.99 11.66 -9.63
N GLN B 108 13.51 12.26 -8.54
CA GLN B 108 12.08 12.40 -8.33
C GLN B 108 11.44 13.23 -9.43
N VAL B 109 12.15 14.22 -9.97
CA VAL B 109 11.62 15.00 -11.08
C VAL B 109 11.47 14.13 -12.32
N LYS B 110 12.47 13.29 -12.61
CA LYS B 110 12.34 12.38 -13.74
C LYS B 110 11.20 11.40 -13.53
N MET B 111 11.03 10.91 -12.30
CA MET B 111 9.93 10.00 -12.01
C MET B 111 8.58 10.65 -12.32
N GLU B 112 8.46 11.96 -12.05
CA GLU B 112 7.23 12.67 -12.36
C GLU B 112 6.95 12.64 -13.87
N LYS B 113 8.00 12.77 -14.68
CA LYS B 113 7.80 12.78 -16.12
C LYS B 113 7.40 11.39 -16.63
N LEU B 114 7.98 10.34 -16.06
CA LEU B 114 7.59 8.98 -16.45
C LEU B 114 6.11 8.75 -16.20
N SER B 115 5.62 9.13 -15.01
CA SER B 115 4.21 8.98 -14.72
C SER B 115 3.36 9.88 -15.62
N SER B 116 3.79 11.13 -15.82
CA SER B 116 3.04 12.04 -16.67
C SER B 116 2.93 11.51 -18.09
N THR B 117 4.03 11.00 -18.64
CA THR B 117 4.00 10.43 -19.98
C THR B 117 3.05 9.26 -20.06
N THR B 118 3.08 8.37 -19.08
CA THR B 118 2.18 7.22 -19.09
C THR B 118 0.72 7.67 -19.11
N LYS B 119 0.42 8.72 -18.36
CA LYS B 119 -0.95 9.28 -18.39
C LYS B 119 -1.30 9.74 -19.79
N GLY B 120 -0.36 10.40 -20.48
CA GLY B 120 -0.64 10.90 -21.82
C GLY B 120 -0.88 9.80 -22.83
N ILE B 121 -0.23 8.65 -22.65
CA ILE B 121 -0.46 7.53 -23.55
C ILE B 121 -1.88 7.00 -23.38
N CYS B 122 -2.37 6.94 -22.14
CA CYS B 122 -3.74 6.54 -21.90
C CYS B 122 -4.73 7.48 -22.60
N GLU B 123 -4.53 8.79 -22.42
CA GLU B 123 -5.42 9.76 -23.04
C GLU B 123 -5.35 9.67 -24.56
N LEU B 124 -4.18 9.37 -25.12
CA LEU B 124 -4.07 9.19 -26.56
C LEU B 124 -4.89 8.00 -27.03
N GLU B 125 -4.76 6.86 -26.35
CA GLU B 125 -5.53 5.68 -26.73
C GLU B 125 -7.02 5.91 -26.56
N ASN B 126 -7.41 6.65 -25.52
CA ASN B 126 -8.82 6.95 -25.33
C ASN B 126 -9.36 7.81 -26.47
N TYR B 127 -8.55 8.72 -26.99
CA TYR B 127 -9.00 9.57 -28.08
C TYR B 127 -9.09 8.80 -29.38
N HIS B 128 -8.12 7.91 -29.63
CA HIS B 128 -8.04 7.25 -30.93
C HIS B 128 -8.96 6.03 -31.02
N TYR B 129 -9.01 5.21 -29.97
CA TYR B 129 -9.79 3.98 -29.99
C TYR B 129 -11.05 4.04 -29.14
N GLY B 130 -11.05 4.81 -28.05
CA GLY B 130 -12.22 4.91 -27.19
C GLY B 130 -12.12 4.03 -25.97
N GLU B 131 -13.24 3.40 -25.57
CA GLU B 131 -13.28 2.59 -24.38
C GLU B 131 -12.16 1.53 -24.39
N GLU B 132 -11.35 1.53 -23.34
CA GLU B 132 -10.23 0.60 -23.27
C GLU B 132 -10.71 -0.85 -23.18
N SER B 133 -11.90 -1.08 -22.61
CA SER B 133 -12.41 -2.45 -22.50
C SER B 133 -12.63 -3.10 -23.85
N LYS B 134 -12.64 -2.33 -24.93
CA LYS B 134 -12.90 -2.87 -26.26
C LYS B 134 -11.64 -3.37 -26.96
N ARG B 135 -10.45 -3.15 -26.39
CA ARG B 135 -9.21 -3.55 -27.02
C ARG B 135 -8.41 -4.45 -26.09
N PRO B 136 -7.70 -5.43 -26.64
CA PRO B 136 -6.84 -6.29 -25.80
C PRO B 136 -5.68 -5.51 -25.22
N PRO B 137 -4.92 -6.10 -24.30
CA PRO B 137 -3.82 -5.38 -23.67
C PRO B 137 -2.64 -5.20 -24.61
N LEU B 138 -1.74 -4.30 -24.22
CA LEU B 138 -0.57 -4.03 -25.03
C LEU B 138 0.40 -5.21 -25.02
N PHE B 139 0.51 -5.89 -23.87
CA PHE B 139 1.50 -6.96 -23.72
C PHE B 139 0.82 -8.30 -23.42
N HIS B 140 0.57 -8.59 -22.15
CA HIS B 140 -0.04 -9.86 -21.77
C HIS B 140 -1.44 -9.68 -21.18
N THR B 141 -1.59 -8.86 -20.14
CA THR B 141 -2.88 -8.68 -19.49
C THR B 141 -3.19 -7.25 -19.06
N TRP B 142 -2.19 -6.43 -18.75
CA TRP B 142 -2.46 -5.13 -18.17
C TRP B 142 -3.14 -4.23 -19.19
N PRO B 143 -4.30 -3.65 -18.87
CA PRO B 143 -4.77 -2.49 -19.64
C PRO B 143 -3.81 -1.33 -19.45
N THR B 144 -3.71 -0.50 -20.49
CA THR B 144 -2.73 0.59 -20.47
C THR B 144 -2.89 1.46 -19.23
N THR B 145 -4.11 1.64 -18.75
CA THR B 145 -4.33 2.48 -17.57
C THR B 145 -3.72 1.88 -16.32
N HIS B 146 -3.50 0.57 -16.28
CA HIS B 146 -2.87 -0.03 -15.11
C HIS B 146 -1.41 0.39 -14.99
N PHE B 147 -0.72 0.57 -16.12
CA PHE B 147 0.64 1.10 -16.07
C PHE B 147 0.67 2.47 -15.42
N TYR B 148 -0.32 3.31 -15.69
CA TYR B 148 -0.37 4.63 -15.07
C TYR B 148 -0.60 4.53 -13.58
N GLU B 149 -1.52 3.65 -13.16
CA GLU B 149 -1.80 3.51 -11.73
C GLU B 149 -0.56 3.05 -10.98
N VAL B 150 0.20 2.11 -11.55
CA VAL B 150 1.40 1.61 -10.88
C VAL B 150 2.50 2.67 -10.91
N SER B 151 2.65 3.37 -12.05
CA SER B 151 3.66 4.42 -12.13
CA SER B 151 3.66 4.41 -12.13
C SER B 151 3.36 5.54 -11.15
N HIS B 152 2.08 5.87 -10.98
CA HIS B 152 1.70 6.95 -10.06
C HIS B 152 1.93 6.51 -8.61
N LYS B 153 1.66 5.24 -8.30
CA LYS B 153 1.95 4.73 -6.97
C LYS B 153 3.44 4.82 -6.65
N LEU B 154 4.28 4.41 -7.61
CA LEU B 154 5.73 4.54 -7.42
C LEU B 154 6.13 5.99 -7.18
N LEU B 155 5.57 6.93 -7.96
CA LEU B 155 5.86 8.33 -7.75
C LEU B 155 5.43 8.78 -6.36
N GLU B 156 4.22 8.37 -5.94
N GLU B 156 4.22 8.37 -5.94
CA GLU B 156 3.73 8.75 -4.62
CA GLU B 156 3.74 8.75 -4.61
C GLU B 156 4.70 8.30 -3.52
C GLU B 156 4.71 8.31 -3.52
N MET B 157 5.21 7.07 -3.63
CA MET B 157 6.11 6.55 -2.60
C MET B 157 7.42 7.34 -2.54
N TYR B 158 8.03 7.58 -3.70
CA TYR B 158 9.31 8.28 -3.69
C TYR B 158 9.14 9.75 -3.34
N ARG B 159 7.98 10.34 -3.63
CA ARG B 159 7.69 11.67 -3.12
C ARG B 159 7.70 11.68 -1.59
N LYS B 160 6.93 10.79 -0.98
CA LYS B 160 6.89 10.72 0.49
C LYS B 160 8.27 10.42 1.06
N GLU B 161 9.01 9.50 0.44
CA GLU B 161 10.32 9.14 0.96
C GLU B 161 11.29 10.32 0.89
N LEU B 162 11.21 11.11 -0.18
CA LEU B 162 12.08 12.28 -0.29
C LEU B 162 11.74 13.31 0.79
N LEU B 163 10.45 13.51 1.06
CA LEU B 163 10.08 14.44 2.12
C LEU B 163 10.61 13.98 3.48
N LEU B 164 10.58 12.67 3.74
CA LEU B 164 11.08 12.16 5.00
C LEU B 164 12.60 12.36 5.10
N LYS B 165 13.32 12.10 4.01
CA LYS B 165 14.77 12.26 4.05
C LYS B 165 15.17 13.72 4.28
N ARG B 166 14.43 14.65 3.69
CA ARG B 166 14.70 16.07 3.94
C ARG B 166 14.57 16.40 5.42
N THR B 167 13.47 15.95 6.05
CA THR B 167 13.29 16.20 7.47
C THR B 167 14.34 15.48 8.30
N VAL B 168 14.71 14.26 7.90
CA VAL B 168 15.73 13.51 8.63
C VAL B 168 17.05 14.25 8.61
N ALA B 169 17.47 14.71 7.42
CA ALA B 169 18.71 15.46 7.32
C ALA B 169 18.64 16.75 8.12
N LYS B 170 17.46 17.37 8.22
CA LYS B 170 17.34 18.64 8.92
C LYS B 170 17.58 18.49 10.41
N GLU B 171 16.86 17.58 11.07
CA GLU B 171 17.05 17.44 12.51
C GLU B 171 18.43 16.88 12.85
N LEU B 172 19.04 16.13 11.93
CA LEU B 172 20.43 15.71 12.14
C LEU B 172 21.33 16.93 12.32
N ALA B 173 21.05 18.00 11.58
CA ALA B 173 21.79 19.25 11.74
C ALA B 173 21.31 20.08 12.91
N HIS B 174 20.11 19.81 13.44
CA HIS B 174 19.60 20.56 14.57
C HIS B 174 20.13 20.02 15.89
N THR B 175 20.13 18.70 16.04
CA THR B 175 20.15 18.10 17.38
C THR B 175 21.52 18.23 18.03
N GLY B 176 21.51 18.49 19.34
CA GLY B 176 22.69 18.42 20.16
C GLY B 176 22.64 17.19 21.05
N ASP B 177 21.89 16.17 20.61
CA ASP B 177 21.71 14.94 21.35
C ASP B 177 22.22 13.75 20.54
N PRO B 178 22.92 12.80 21.18
CA PRO B 178 23.44 11.66 20.41
C PRO B 178 22.41 10.57 20.17
N ASP B 179 21.51 10.37 21.15
CA ASP B 179 20.51 9.32 21.01
C ASP B 179 19.61 9.56 19.80
N LEU B 180 19.09 10.78 19.67
CA LEU B 180 18.23 11.10 18.53
C LEU B 180 18.98 10.94 17.21
N THR B 181 20.29 11.18 17.21
CA THR B 181 21.05 11.08 15.98
C THR B 181 20.97 9.66 15.41
N LEU B 182 21.14 8.65 16.25
CA LEU B 182 21.06 7.27 15.79
C LEU B 182 19.67 6.96 15.24
N SER B 183 18.62 7.44 15.90
CA SER B 183 17.26 7.19 15.43
C SER B 183 17.06 7.74 14.02
N TYR B 184 17.61 8.92 13.75
CA TYR B 184 17.43 9.53 12.43
C TYR B 184 18.28 8.85 11.36
N LEU B 185 19.39 8.24 11.75
CA LEU B 185 20.19 7.47 10.79
C LEU B 185 19.40 6.28 10.27
N SER B 186 18.77 5.53 11.17
CA SER B 186 18.01 4.35 10.76
C SER B 186 16.89 4.73 9.81
N MET B 187 16.24 5.87 10.04
CA MET B 187 15.18 6.32 9.14
C MET B 187 15.71 6.52 7.73
N TRP B 188 16.92 7.08 7.59
CA TRP B 188 17.47 7.31 6.26
C TRP B 188 17.72 6.00 5.54
N LEU B 189 18.23 4.99 6.24
CA LEU B 189 18.61 3.75 5.58
C LEU B 189 17.44 2.79 5.41
N HIS B 190 16.48 2.82 6.34
CA HIS B 190 15.36 1.89 6.26
C HIS B 190 14.42 2.23 5.12
N GLN B 191 14.26 3.52 4.80
CA GLN B 191 13.33 3.95 3.76
C GLN B 191 11.97 3.33 4.00
N PRO B 192 11.19 3.83 4.96
CA PRO B 192 9.90 3.18 5.28
C PRO B 192 8.95 3.10 4.10
N TYR B 193 8.94 4.11 3.23
CA TYR B 193 7.95 4.18 2.16
C TYR B 193 8.39 3.44 0.91
N VAL B 194 9.70 3.44 0.59
CA VAL B 194 10.18 2.75 -0.60
C VAL B 194 10.53 1.29 -0.33
N GLU B 195 10.69 0.90 0.93
CA GLU B 195 11.12 -0.45 1.24
C GLU B 195 10.01 -1.45 0.92
N SER B 196 10.39 -2.53 0.20
CA SER B 196 9.49 -3.64 -0.07
C SER B 196 8.48 -3.34 -1.16
N ASP B 197 7.59 -2.37 -0.92
CA ASP B 197 6.52 -2.10 -1.88
C ASP B 197 7.07 -1.68 -3.24
N SER B 198 8.18 -0.93 -3.24
CA SER B 198 8.75 -0.45 -4.49
C SER B 198 9.17 -1.61 -5.37
N ARG B 199 9.89 -2.57 -4.81
CA ARG B 199 10.40 -3.69 -5.59
C ARG B 199 9.26 -4.45 -6.25
N LEU B 200 8.18 -4.71 -5.52
CA LEU B 200 7.10 -5.52 -6.06
C LEU B 200 6.41 -4.83 -7.24
N HIS B 201 6.10 -3.54 -7.08
CA HIS B 201 5.44 -2.82 -8.17
C HIS B 201 6.35 -2.72 -9.39
N LEU B 202 7.63 -2.41 -9.18
CA LEU B 202 8.58 -2.38 -10.30
C LEU B 202 8.68 -3.74 -10.96
N GLU B 203 8.79 -4.80 -10.15
CA GLU B 203 8.93 -6.14 -10.70
C GLU B 203 7.71 -6.50 -11.55
N SER B 204 6.51 -6.21 -11.07
CA SER B 204 5.31 -6.54 -11.83
C SER B 204 5.28 -5.80 -13.15
N MET B 205 5.77 -4.55 -13.16
CA MET B 205 5.82 -3.78 -14.40
C MET B 205 6.89 -4.31 -15.34
N LEU B 206 8.05 -4.69 -14.80
CA LEU B 206 9.11 -5.25 -15.65
C LEU B 206 8.69 -6.59 -16.23
N LEU B 207 8.02 -7.42 -15.42
CA LEU B 207 7.55 -8.71 -15.92
C LEU B 207 6.54 -8.52 -17.04
N GLU B 208 5.59 -7.60 -16.84
CA GLU B 208 4.53 -7.41 -17.84
C GLU B 208 5.11 -6.94 -19.18
N THR B 209 6.13 -6.09 -19.15
CA THR B 209 6.70 -5.55 -20.37
C THR B 209 7.79 -6.44 -20.97
N GLY B 210 8.07 -7.59 -20.37
CA GLY B 210 9.02 -8.53 -20.94
C GLY B 210 10.46 -8.31 -20.55
N HIS B 211 10.73 -7.52 -19.52
CA HIS B 211 12.10 -7.34 -19.04
C HIS B 211 12.50 -8.49 -18.12
#